data_2X82
#
_entry.id   2X82
#
_cell.length_a   47.470
_cell.length_b   116.770
_cell.length_c   129.360
_cell.angle_alpha   90.00
_cell.angle_beta   90.00
_cell.angle_gamma   90.00
#
_symmetry.space_group_name_H-M   'P 21 21 21'
#
loop_
_entity.id
_entity.type
_entity.pdbx_description
1 polymer 'CAPSID PROTEIN P24'
2 water water
#
_entity_poly.entity_id   1
_entity_poly.type   'polypeptide(L)'
_entity_poly.pdbx_seq_one_letter_code
;PVQHVGGTYTHIPLSPRTLNAWVKLVEEKKFGAEVVPGFQALSEGCTPYDINQMLNCVGDHQAAMQIIREIINEEAAEWD
VQHPIPAGPLPAGQLREPRGSDIAGTTSTVEEQIQWMFRPQNPVPVGNIYRRWIQIGLQKCVRMY
;
_entity_poly.pdbx_strand_id   A,B,C,D
#
# COMPACT_ATOMS: atom_id res chain seq x y z
N PRO A 1 23.24 14.86 -10.70
CA PRO A 1 23.90 16.02 -10.13
C PRO A 1 25.15 16.38 -10.91
N VAL A 2 25.85 17.42 -10.47
CA VAL A 2 26.87 18.04 -11.28
C VAL A 2 27.99 18.31 -10.32
N GLN A 3 29.23 18.26 -10.81
CA GLN A 3 30.35 18.64 -9.98
C GLN A 3 31.53 19.27 -10.72
N HIS A 4 32.10 20.29 -10.11
CA HIS A 4 33.12 21.07 -10.76
C HIS A 4 34.52 20.58 -10.40
N VAL A 5 35.32 20.18 -11.39
CA VAL A 5 36.74 19.84 -11.18
C VAL A 5 37.69 20.39 -12.27
N GLY A 6 38.26 21.56 -11.99
CA GLY A 6 39.19 22.19 -12.92
C GLY A 6 38.39 22.72 -14.08
N GLY A 7 37.90 23.96 -13.92
CA GLY A 7 37.09 24.69 -14.92
C GLY A 7 36.26 23.79 -15.81
N THR A 8 35.71 22.74 -15.21
CA THR A 8 34.92 21.77 -15.94
C THR A 8 33.81 21.20 -15.06
N TYR A 9 32.57 21.55 -15.38
CA TYR A 9 31.38 21.03 -14.68
C TYR A 9 31.09 19.68 -15.28
N THR A 10 30.88 18.68 -14.44
CA THR A 10 30.61 17.34 -14.95
C THR A 10 29.50 16.58 -14.26
N HIS A 11 28.86 15.69 -15.00
CA HIS A 11 27.72 14.94 -14.51
C HIS A 11 28.20 13.88 -13.55
N ILE A 12 27.61 13.82 -12.36
CA ILE A 12 27.66 12.62 -11.54
C ILE A 12 26.22 12.14 -11.32
N PRO A 13 25.98 10.85 -11.60
CA PRO A 13 24.66 10.28 -11.44
C PRO A 13 24.22 10.21 -9.98
N LEU A 14 22.91 10.06 -9.80
CA LEU A 14 22.40 9.81 -8.48
C LEU A 14 22.96 8.45 -8.06
N SER A 15 23.33 8.34 -6.80
CA SER A 15 23.82 7.10 -6.30
C SER A 15 22.65 6.10 -6.31
N PRO A 16 22.96 4.79 -6.42
CA PRO A 16 21.99 3.69 -6.29
C PRO A 16 21.19 3.74 -4.97
N ARG A 17 21.84 4.14 -3.86
CA ARG A 17 21.13 4.24 -2.59
CA ARG A 17 21.16 4.29 -2.56
CA ARG A 17 21.17 4.30 -2.55
C ARG A 17 19.97 5.21 -2.71
N THR A 18 20.22 6.40 -3.27
CA THR A 18 19.17 7.38 -3.52
C THR A 18 18.08 6.88 -4.49
N LEU A 19 18.45 6.37 -5.66
CA LEU A 19 17.46 5.81 -6.59
C LEU A 19 16.69 4.70 -5.90
N ASN A 20 17.40 3.83 -5.20
CA ASN A 20 16.71 2.84 -4.42
CA ASN A 20 16.76 2.83 -4.38
C ASN A 20 15.81 3.45 -3.36
N ALA A 21 16.21 4.56 -2.74
CA ALA A 21 15.34 5.12 -1.70
C ALA A 21 14.02 5.63 -2.29
N TRP A 22 14.12 6.24 -3.46
CA TRP A 22 13.01 6.83 -4.18
C TRP A 22 12.01 5.76 -4.59
N VAL A 23 12.52 4.63 -5.08
CA VAL A 23 11.67 3.52 -5.52
C VAL A 23 10.86 3.03 -4.35
N LYS A 24 11.53 2.82 -3.21
CA LYS A 24 10.88 2.41 -1.97
C LYS A 24 9.85 3.42 -1.55
N LEU A 25 10.22 4.68 -1.58
CA LEU A 25 9.32 5.74 -1.22
C LEU A 25 8.03 5.66 -2.02
N VAL A 26 8.17 5.47 -3.33
CA VAL A 26 7.05 5.30 -4.23
C VAL A 26 6.19 4.01 -3.99
N GLU A 27 6.84 2.86 -3.85
N GLU A 27 6.86 2.87 -3.84
N GLU A 27 6.83 2.85 -3.85
CA GLU A 27 6.14 1.58 -3.72
CA GLU A 27 6.18 1.58 -3.71
CA GLU A 27 6.11 1.59 -3.73
C GLU A 27 5.49 1.36 -2.36
C GLU A 27 5.78 1.24 -2.27
C GLU A 27 5.44 1.39 -2.36
N GLU A 28 5.76 2.26 -1.41
CA GLU A 28 5.34 2.10 -0.02
C GLU A 28 3.84 2.11 0.18
N LYS A 29 3.15 3.14 -0.32
CA LYS A 29 1.70 3.22 -0.26
C LYS A 29 1.13 3.39 -1.67
N LYS A 30 2.05 3.38 -2.66
CA LYS A 30 1.73 3.59 -4.10
C LYS A 30 1.30 5.00 -4.36
N PHE A 31 2.29 5.84 -4.56
CA PHE A 31 2.10 7.28 -4.61
C PHE A 31 1.36 7.88 -3.41
N GLY A 32 1.84 7.58 -2.21
CA GLY A 32 1.31 8.21 -1.04
C GLY A 32 1.76 9.65 -1.01
N ALA A 33 1.08 10.48 -0.22
CA ALA A 33 1.38 11.91 -0.11
C ALA A 33 2.88 12.20 0.08
N GLU A 34 3.59 11.22 0.64
CA GLU A 34 5.02 11.38 0.98
C GLU A 34 5.96 11.49 -0.20
N VAL A 35 5.49 11.13 -1.40
CA VAL A 35 6.37 11.06 -2.56
C VAL A 35 6.73 12.48 -2.99
N VAL A 36 5.83 13.42 -2.70
CA VAL A 36 6.04 14.81 -3.13
C VAL A 36 7.22 15.53 -2.44
N PRO A 37 7.22 15.68 -1.09
CA PRO A 37 8.45 16.15 -0.44
C PRO A 37 9.59 15.17 -0.64
N GLY A 38 9.32 13.89 -0.58
CA GLY A 38 10.38 12.93 -0.86
C GLY A 38 11.09 13.29 -2.17
N PHE A 39 10.31 13.45 -3.23
CA PHE A 39 10.88 13.80 -4.50
C PHE A 39 11.63 15.15 -4.49
N GLN A 40 11.16 16.15 -3.74
CA GLN A 40 11.81 17.47 -3.76
C GLN A 40 13.19 17.40 -3.13
N ALA A 41 13.32 16.58 -2.10
CA ALA A 41 14.61 16.39 -1.48
C ALA A 41 15.51 15.48 -2.34
N LEU A 42 14.97 14.38 -2.84
CA LEU A 42 15.83 13.43 -3.54
C LEU A 42 16.28 13.91 -4.94
N SER A 43 15.75 15.03 -5.40
CA SER A 43 16.05 15.52 -6.72
C SER A 43 16.73 16.89 -6.66
N GLU A 44 17.06 17.31 -5.46
CA GLU A 44 17.82 18.55 -5.25
C GLU A 44 19.13 18.44 -5.99
N GLY A 45 19.46 19.45 -6.79
CA GLY A 45 20.76 19.54 -7.48
C GLY A 45 20.83 18.77 -8.78
N CYS A 46 19.69 18.26 -9.19
CA CYS A 46 19.57 17.41 -10.36
C CYS A 46 19.50 18.14 -11.70
N THR A 47 19.95 17.43 -12.73
CA THR A 47 19.78 17.82 -14.11
C THR A 47 18.58 17.04 -14.65
N PRO A 48 17.93 17.51 -15.73
CA PRO A 48 16.86 16.69 -16.33
C PRO A 48 17.24 15.22 -16.60
N TYR A 49 18.44 14.98 -17.10
CA TYR A 49 18.93 13.61 -17.19
C TYR A 49 18.67 12.79 -15.90
N ASP A 50 18.95 13.34 -14.72
CA ASP A 50 18.85 12.65 -13.42
C ASP A 50 17.42 12.39 -12.96
N ILE A 51 16.55 13.39 -13.16
CA ILE A 51 15.12 13.24 -12.93
C ILE A 51 14.46 12.17 -13.84
N ASN A 52 14.89 12.12 -15.11
CA ASN A 52 14.42 11.07 -16.02
C ASN A 52 14.89 9.70 -15.61
N GLN A 53 16.08 9.60 -15.02
CA GLN A 53 16.51 8.36 -14.37
C GLN A 53 15.68 7.97 -13.17
N MET A 54 15.32 8.95 -12.35
CA MET A 54 14.38 8.74 -11.23
C MET A 54 13.07 8.16 -11.73
N LEU A 55 12.47 8.81 -12.73
CA LEU A 55 11.23 8.32 -13.35
C LEU A 55 11.40 6.95 -14.04
N ASN A 56 12.52 6.71 -14.73
CA ASN A 56 12.73 5.40 -15.37
C ASN A 56 12.63 4.32 -14.30
N CYS A 57 13.36 4.52 -13.21
CA CYS A 57 13.23 3.74 -11.97
C CYS A 57 11.88 3.36 -11.45
N VAL A 58 10.82 4.10 -11.74
CA VAL A 58 9.47 3.72 -11.29
C VAL A 58 8.54 3.56 -12.50
N GLY A 59 9.14 3.28 -13.65
CA GLY A 59 8.42 3.27 -14.89
C GLY A 59 7.44 2.12 -15.05
N ASP A 60 7.47 1.15 -14.14
CA ASP A 60 6.54 0.06 -14.20
C ASP A 60 5.20 0.45 -13.58
N HIS A 61 5.17 1.65 -12.99
CA HIS A 61 3.91 2.31 -12.64
C HIS A 61 3.42 3.15 -13.81
N GLN A 62 2.97 2.48 -14.86
N GLN A 62 2.97 2.52 -14.88
CA GLN A 62 2.56 3.15 -16.09
CA GLN A 62 2.64 3.30 -16.07
C GLN A 62 1.50 4.23 -15.90
C GLN A 62 1.45 4.26 -15.93
N ALA A 63 0.54 4.00 -15.01
CA ALA A 63 -0.56 4.94 -14.78
C ALA A 63 -0.04 6.29 -14.26
N ALA A 64 0.94 6.29 -13.37
CA ALA A 64 1.61 7.54 -12.95
C ALA A 64 2.56 8.15 -14.00
N MET A 65 3.15 7.34 -14.85
CA MET A 65 3.97 7.92 -15.85
C MET A 65 3.10 8.71 -16.76
N GLN A 66 1.86 8.28 -16.94
CA GLN A 66 0.97 8.92 -17.90
C GLN A 66 0.40 10.22 -17.38
N ILE A 67 0.04 10.22 -16.10
CA ILE A 67 -0.33 11.44 -15.44
C ILE A 67 0.85 12.41 -15.53
N ILE A 68 2.04 11.95 -15.18
CA ILE A 68 3.21 12.83 -15.20
C ILE A 68 3.53 13.32 -16.61
N ARG A 69 3.45 12.43 -17.61
CA ARG A 69 3.71 12.77 -18.98
C ARG A 69 2.78 13.90 -19.45
N GLU A 70 1.51 13.84 -19.05
CA GLU A 70 0.49 14.74 -19.56
C GLU A 70 0.83 16.20 -19.15
N ILE A 71 1.14 16.37 -17.87
CA ILE A 71 1.57 17.63 -17.26
C ILE A 71 2.89 18.14 -17.84
N ILE A 72 3.86 17.26 -18.05
CA ILE A 72 5.09 17.67 -18.71
C ILE A 72 4.78 18.30 -20.06
N ASN A 73 3.95 17.66 -20.89
CA ASN A 73 3.63 18.24 -22.18
C ASN A 73 2.86 19.57 -22.01
N GLU A 74 2.00 19.64 -21.00
CA GLU A 74 1.20 20.81 -20.67
C GLU A 74 2.15 21.94 -20.33
N GLU A 75 3.06 21.70 -19.38
CA GLU A 75 4.00 22.73 -18.99
C GLU A 75 5.04 23.04 -20.05
N ALA A 76 5.51 22.04 -20.81
CA ALA A 76 6.44 22.34 -21.92
C ALA A 76 5.80 23.16 -23.05
N ALA A 77 4.53 22.90 -23.36
CA ALA A 77 3.86 23.70 -24.36
C ALA A 77 3.76 25.13 -23.90
N GLU A 78 3.37 25.32 -22.65
N GLU A 78 3.36 25.34 -22.65
CA GLU A 78 3.23 26.65 -22.08
CA GLU A 78 3.22 26.69 -22.07
C GLU A 78 4.56 27.38 -22.14
C GLU A 78 4.56 27.41 -22.04
N TRP A 79 5.64 26.65 -21.86
CA TRP A 79 6.99 27.19 -21.84
C TRP A 79 7.37 27.75 -23.20
N ASP A 80 7.17 26.93 -24.23
CA ASP A 80 7.35 27.40 -25.60
C ASP A 80 6.51 28.64 -25.92
N VAL A 81 5.26 28.66 -25.47
CA VAL A 81 4.37 29.82 -25.65
C VAL A 81 4.89 31.09 -24.96
N GLN A 82 5.75 30.94 -23.95
CA GLN A 82 6.22 32.08 -23.18
C GLN A 82 7.71 32.32 -23.37
N HIS A 83 8.27 31.62 -24.34
CA HIS A 83 9.68 31.69 -24.71
C HIS A 83 9.84 31.53 -26.24
N PRO A 84 9.17 32.42 -27.01
CA PRO A 84 9.03 32.42 -28.47
C PRO A 84 10.07 31.68 -29.31
N ILE A 85 11.35 31.86 -28.96
CA ILE A 85 12.46 31.73 -29.90
C ILE A 85 12.50 33.08 -30.61
N PRO A 86 13.60 33.84 -30.42
CA PRO A 86 13.76 35.11 -31.12
C PRO A 86 14.34 34.87 -32.53
N ALA A 87 14.08 35.82 -33.44
CA ALA A 87 14.44 35.69 -34.87
C ALA A 87 15.93 35.95 -35.08
N GLY A 88 16.74 34.93 -34.81
CA GLY A 88 18.17 35.15 -34.65
C GLY A 88 18.43 36.33 -33.72
N PRO A 89 19.70 36.77 -33.64
CA PRO A 89 20.79 36.04 -34.28
C PRO A 89 21.15 34.88 -33.39
N LEU A 90 21.73 33.83 -33.96
CA LEU A 90 22.37 32.81 -33.14
C LEU A 90 23.41 32.06 -33.96
N PRO A 91 24.67 32.12 -33.50
CA PRO A 91 25.83 31.73 -34.30
C PRO A 91 26.10 30.22 -34.36
N ALA A 92 26.29 29.70 -35.57
CA ALA A 92 26.50 28.27 -35.76
C ALA A 92 27.62 27.79 -34.85
N GLY A 93 27.36 26.70 -34.14
CA GLY A 93 28.27 26.18 -33.12
C GLY A 93 27.92 26.65 -31.72
N GLN A 94 26.95 27.56 -31.60
CA GLN A 94 26.53 28.07 -30.30
C GLN A 94 25.17 27.49 -29.90
N LEU A 95 25.11 27.03 -28.67
CA LEU A 95 23.95 26.38 -28.06
C LEU A 95 22.65 27.21 -27.98
N ARG A 96 21.61 26.68 -28.60
CA ARG A 96 20.23 27.21 -28.53
C ARG A 96 19.80 27.56 -27.12
N GLU A 97 18.92 28.54 -26.98
CA GLU A 97 18.15 28.65 -25.73
C GLU A 97 17.26 27.40 -25.67
N PRO A 98 17.02 26.86 -24.47
CA PRO A 98 16.26 25.61 -24.38
C PRO A 98 14.76 25.73 -24.62
N ARG A 99 14.19 24.71 -25.24
CA ARG A 99 12.74 24.60 -25.38
C ARG A 99 12.20 23.62 -24.36
N GLY A 100 10.87 23.55 -24.27
CA GLY A 100 10.21 22.80 -23.23
C GLY A 100 10.66 21.36 -23.23
N SER A 101 11.11 20.89 -24.39
CA SER A 101 11.54 19.51 -24.55
C SER A 101 12.99 19.31 -24.17
N ASP A 102 13.84 20.32 -24.39
CA ASP A 102 15.19 20.31 -23.84
C ASP A 102 15.16 20.30 -22.30
N ILE A 103 14.18 20.97 -21.69
CA ILE A 103 14.12 21.05 -20.23
C ILE A 103 13.77 19.69 -19.63
N ALA A 104 12.84 19.00 -20.31
CA ALA A 104 12.34 17.69 -19.94
C ALA A 104 13.40 16.63 -20.23
N GLY A 105 14.45 17.03 -20.94
CA GLY A 105 15.57 16.12 -21.19
C GLY A 105 15.32 15.10 -22.30
N THR A 106 14.33 15.43 -23.15
CA THR A 106 13.97 14.64 -24.34
C THR A 106 14.83 14.99 -25.53
N THR A 107 15.02 16.29 -25.83
CA THR A 107 15.81 16.69 -27.00
C THR A 107 17.17 17.29 -26.65
N SER A 108 17.59 17.13 -25.41
CA SER A 108 18.87 17.68 -24.96
C SER A 108 19.69 16.64 -24.27
N THR A 109 21.00 16.82 -24.24
CA THR A 109 21.83 15.87 -23.55
C THR A 109 22.12 16.41 -22.18
N VAL A 110 22.60 15.54 -21.29
CA VAL A 110 23.02 16.00 -19.96
C VAL A 110 24.01 17.13 -20.06
N GLU A 111 24.95 17.04 -21.01
CA GLU A 111 25.96 18.06 -21.26
C GLU A 111 25.37 19.42 -21.66
N GLU A 112 24.33 19.41 -22.48
CA GLU A 112 23.69 20.68 -22.82
C GLU A 112 22.98 21.20 -21.59
N GLN A 113 22.33 20.30 -20.84
CA GLN A 113 21.62 20.67 -19.60
C GLN A 113 22.54 21.35 -18.60
N ILE A 114 23.77 20.83 -18.47
CA ILE A 114 24.79 21.44 -17.60
C ILE A 114 25.25 22.79 -18.11
N GLN A 115 25.30 22.96 -19.43
N GLN A 115 25.32 22.97 -19.43
CA GLN A 115 25.69 24.24 -20.03
CA GLN A 115 25.70 24.27 -20.00
C GLN A 115 24.68 25.36 -19.77
C GLN A 115 24.68 25.34 -19.61
N TRP A 116 23.39 25.07 -19.75
CA TRP A 116 22.37 26.07 -19.43
C TRP A 116 22.32 26.43 -17.93
N MET A 117 22.57 25.43 -17.09
CA MET A 117 22.39 25.52 -15.69
C MET A 117 23.51 26.32 -15.10
N PHE A 118 24.69 26.17 -15.68
CA PHE A 118 25.87 26.79 -15.11
C PHE A 118 26.60 27.74 -16.03
N ARG A 119 26.04 28.12 -17.18
CA ARG A 119 26.70 29.16 -17.95
C ARG A 119 26.72 30.52 -17.23
N PRO A 120 27.84 31.25 -17.26
CA PRO A 120 27.80 32.56 -16.58
C PRO A 120 26.79 33.57 -17.17
N GLN A 121 26.43 33.44 -18.45
CA GLN A 121 25.66 34.44 -19.14
C GLN A 121 24.18 34.06 -19.18
N ASN A 122 23.46 34.48 -18.15
CA ASN A 122 22.05 34.09 -17.96
C ASN A 122 21.85 32.59 -17.96
N PRO A 123 22.38 31.86 -16.94
CA PRO A 123 22.06 30.44 -16.78
C PRO A 123 20.55 30.23 -16.81
N VAL A 124 20.09 29.04 -17.18
CA VAL A 124 18.65 28.69 -17.15
C VAL A 124 18.56 27.43 -16.31
N PRO A 125 17.93 27.51 -15.12
CA PRO A 125 18.02 26.38 -14.23
C PRO A 125 17.06 25.25 -14.66
N VAL A 126 17.39 24.59 -15.77
CA VAL A 126 16.51 23.61 -16.41
C VAL A 126 16.12 22.46 -15.50
N GLY A 127 17.06 21.98 -14.71
CA GLY A 127 16.75 20.96 -13.73
C GLY A 127 15.73 21.40 -12.68
N ASN A 128 15.83 22.63 -12.19
CA ASN A 128 14.86 23.17 -11.21
C ASN A 128 13.49 23.50 -11.80
N ILE A 129 13.44 23.87 -13.09
CA ILE A 129 12.15 24.13 -13.74
C ILE A 129 11.43 22.80 -13.91
N TYR A 130 12.13 21.81 -14.43
CA TYR A 130 11.59 20.46 -14.62
C TYR A 130 11.08 19.86 -13.30
N ARG A 131 11.83 20.04 -12.22
CA ARG A 131 11.37 19.54 -10.95
C ARG A 131 10.00 20.12 -10.59
N ARG A 132 9.75 21.39 -10.94
N ARG A 132 9.76 21.40 -10.91
CA ARG A 132 8.47 22.05 -10.67
CA ARG A 132 8.45 22.02 -10.69
C ARG A 132 7.34 21.41 -11.45
C ARG A 132 7.37 21.24 -11.40
N TRP A 133 7.66 20.94 -12.67
CA TRP A 133 6.70 20.30 -13.57
C TRP A 133 6.38 18.95 -13.05
N ILE A 134 7.37 18.26 -12.46
CA ILE A 134 7.20 16.87 -11.97
C ILE A 134 6.40 16.88 -10.69
N GLN A 135 6.78 17.79 -9.80
CA GLN A 135 6.05 17.98 -8.58
C GLN A 135 4.56 18.06 -8.88
N ILE A 136 4.13 18.99 -9.74
CA ILE A 136 2.70 19.11 -10.04
C ILE A 136 2.16 17.77 -10.52
N GLY A 137 2.94 17.06 -11.31
CA GLY A 137 2.51 15.75 -11.82
C GLY A 137 2.38 14.78 -10.67
N LEU A 138 3.31 14.86 -9.71
CA LEU A 138 3.32 13.96 -8.58
C LEU A 138 2.15 14.23 -7.69
N GLN A 139 1.76 15.49 -7.61
CA GLN A 139 0.65 15.91 -6.77
C GLN A 139 -0.65 15.37 -7.33
N LYS A 140 -0.72 15.27 -8.63
CA LYS A 140 -1.87 14.70 -9.29
C LYS A 140 -1.91 13.18 -9.18
N CYS A 141 -0.76 12.53 -9.37
CA CYS A 141 -0.66 11.09 -9.07
C CYS A 141 -1.30 10.85 -7.71
N VAL A 142 -0.90 11.64 -6.70
CA VAL A 142 -1.37 11.42 -5.33
C VAL A 142 -2.90 11.57 -5.20
N ARG A 143 -3.47 12.54 -5.93
N ARG A 143 -3.44 12.59 -5.89
CA ARG A 143 -4.91 12.81 -5.93
CA ARG A 143 -4.88 12.85 -5.96
C ARG A 143 -5.76 11.91 -6.82
C ARG A 143 -5.63 11.68 -6.63
N MET A 144 -5.16 11.26 -7.80
CA MET A 144 -5.91 10.33 -8.67
C MET A 144 -5.71 8.83 -8.45
N TYR A 145 -4.62 8.44 -7.80
CA TYR A 145 -4.30 7.03 -7.59
C TYR A 145 -5.30 6.28 -6.72
N PRO B 1 22.62 1.70 5.87
CA PRO B 1 22.54 0.26 5.72
C PRO B 1 23.88 -0.48 5.64
N VAL B 2 23.87 -1.67 5.03
CA VAL B 2 24.99 -2.60 5.06
C VAL B 2 25.39 -3.04 3.67
N GLN B 3 26.66 -2.90 3.35
CA GLN B 3 27.23 -3.34 2.07
C GLN B 3 28.03 -4.59 2.31
N HIS B 4 27.82 -5.61 1.48
CA HIS B 4 28.59 -6.86 1.58
C HIS B 4 29.70 -6.96 0.52
N VAL B 5 30.88 -6.45 0.83
CA VAL B 5 32.03 -6.55 -0.11
C VAL B 5 33.34 -7.13 0.51
N GLY B 6 33.72 -8.32 0.05
CA GLY B 6 34.96 -8.97 0.46
C GLY B 6 34.74 -9.90 1.63
N GLY B 7 33.59 -10.56 1.66
CA GLY B 7 33.22 -11.46 2.76
C GLY B 7 33.14 -10.75 4.11
N THR B 8 33.34 -9.43 4.08
CA THR B 8 33.21 -8.60 5.27
C THR B 8 32.03 -7.62 5.09
N TYR B 9 31.15 -7.60 6.08
CA TYR B 9 29.96 -6.77 6.05
C TYR B 9 30.25 -5.41 6.68
N THR B 10 29.99 -4.37 5.90
CA THR B 10 30.38 -3.03 6.25
C THR B 10 29.24 -2.01 6.13
N HIS B 11 29.31 -1.00 6.97
CA HIS B 11 28.35 0.08 7.02
C HIS B 11 28.42 0.93 5.76
N ILE B 12 27.26 1.15 5.16
CA ILE B 12 27.11 2.17 4.15
C ILE B 12 26.07 3.16 4.66
N PRO B 13 26.47 4.43 4.82
CA PRO B 13 25.58 5.42 5.40
C PRO B 13 24.35 5.65 4.51
N LEU B 14 23.31 6.28 5.05
CA LEU B 14 22.28 6.83 4.19
C LEU B 14 22.87 7.99 3.38
N SER B 15 22.63 7.98 2.08
CA SER B 15 22.93 9.10 1.21
C SER B 15 22.29 10.38 1.78
N PRO B 16 23.00 11.50 1.70
CA PRO B 16 22.47 12.76 2.23
C PRO B 16 21.06 13.18 1.73
N ARG B 17 20.72 12.81 0.48
CA ARG B 17 19.43 13.13 -0.13
CA ARG B 17 19.41 13.12 -0.14
CA ARG B 17 19.42 13.13 -0.12
C ARG B 17 18.32 12.32 0.53
N THR B 18 18.65 11.07 0.86
CA THR B 18 17.76 10.22 1.60
C THR B 18 17.45 10.95 2.90
N LEU B 19 18.46 11.36 3.68
CA LEU B 19 18.22 12.03 4.98
C LEU B 19 17.40 13.31 4.86
N ASN B 20 17.75 14.18 3.91
CA ASN B 20 16.91 15.35 3.66
CA ASN B 20 16.94 15.38 3.63
C ASN B 20 15.47 15.02 3.30
N ALA B 21 15.26 13.85 2.69
CA ALA B 21 13.94 13.46 2.29
C ALA B 21 13.19 13.20 3.53
N TRP B 22 13.81 12.47 4.45
CA TRP B 22 13.18 12.19 5.74
C TRP B 22 12.70 13.49 6.39
N VAL B 23 13.61 14.44 6.55
CA VAL B 23 13.26 15.75 7.14
C VAL B 23 12.08 16.40 6.44
N LYS B 24 12.08 16.46 5.11
CA LYS B 24 11.00 17.16 4.39
C LYS B 24 9.68 16.49 4.68
N LEU B 25 9.75 15.17 4.76
CA LEU B 25 8.65 14.29 5.01
C LEU B 25 8.11 14.64 6.39
N VAL B 26 8.97 14.64 7.40
CA VAL B 26 8.57 15.05 8.75
C VAL B 26 7.97 16.46 8.80
N GLU B 27 8.72 17.46 8.34
N GLU B 27 8.75 17.43 8.33
N GLU B 27 8.73 17.46 8.34
CA GLU B 27 8.35 18.86 8.46
CA GLU B 27 8.38 18.85 8.41
CA GLU B 27 8.35 18.86 8.47
C GLU B 27 7.20 19.30 7.54
C GLU B 27 7.48 19.30 7.27
C GLU B 27 7.28 19.31 7.47
N GLU B 28 6.71 18.38 6.72
CA GLU B 28 5.70 18.71 5.66
C GLU B 28 4.31 19.06 6.22
N LYS B 29 3.79 18.22 7.11
CA LYS B 29 2.59 18.55 7.87
C LYS B 29 2.86 18.48 9.40
N LYS B 30 4.12 18.67 9.82
CA LYS B 30 4.56 18.38 11.20
C LYS B 30 3.98 17.10 11.81
N PHE B 31 4.65 15.97 11.56
CA PHE B 31 4.20 14.61 11.94
C PHE B 31 2.79 14.27 11.45
N GLY B 32 2.63 14.50 10.14
CA GLY B 32 1.43 14.20 9.41
C GLY B 32 1.39 12.75 8.99
N ALA B 33 0.35 12.44 8.21
CA ALA B 33 0.02 11.09 7.83
C ALA B 33 1.22 10.36 7.23
N GLU B 34 1.96 11.08 6.38
CA GLU B 34 3.11 10.57 5.65
C GLU B 34 4.30 10.01 6.46
N VAL B 35 4.62 10.55 7.63
CA VAL B 35 5.88 10.17 8.32
C VAL B 35 6.06 8.66 8.54
N VAL B 36 4.96 7.94 8.68
CA VAL B 36 5.00 6.52 8.98
C VAL B 36 5.37 5.76 7.69
N PRO B 37 4.56 5.90 6.61
CA PRO B 37 5.01 5.36 5.31
C PRO B 37 6.41 5.81 4.93
N GLY B 38 6.71 7.08 5.14
CA GLY B 38 7.99 7.68 4.81
C GLY B 38 9.08 7.03 5.60
N PHE B 39 8.92 6.98 6.92
CA PHE B 39 9.81 6.18 7.74
C PHE B 39 10.04 4.75 7.23
N GLN B 40 9.00 3.94 7.18
CA GLN B 40 9.14 2.54 6.72
C GLN B 40 10.12 2.45 5.57
N ALA B 41 9.92 3.31 4.58
CA ALA B 41 10.48 3.16 3.23
C ALA B 41 11.94 3.57 3.19
N LEU B 42 12.22 4.68 3.84
CA LEU B 42 13.56 5.27 3.85
C LEU B 42 14.45 4.61 4.86
N SER B 43 13.85 3.88 5.79
CA SER B 43 14.60 3.20 6.85
C SER B 43 15.00 1.75 6.50
N GLU B 44 14.47 1.22 5.40
CA GLU B 44 14.79 -0.10 4.86
C GLU B 44 16.30 -0.45 4.77
N GLY B 45 16.67 -1.56 5.40
CA GLY B 45 18.02 -2.06 5.38
C GLY B 45 18.93 -1.43 6.41
N CYS B 46 18.43 -0.47 7.16
CA CYS B 46 19.26 0.25 8.10
C CYS B 46 19.63 -0.57 9.32
N THR B 47 20.77 -0.22 9.88
CA THR B 47 21.20 -0.58 11.23
C THR B 47 20.57 0.44 12.20
N PRO B 48 20.46 0.10 13.50
CA PRO B 48 19.95 1.09 14.48
C PRO B 48 20.72 2.39 14.44
N TYR B 49 21.99 2.31 14.05
CA TYR B 49 22.83 3.49 13.97
C TYR B 49 22.25 4.43 12.94
N ASP B 50 21.88 3.87 11.79
CA ASP B 50 21.28 4.66 10.73
C ASP B 50 19.93 5.19 11.18
N ILE B 51 19.11 4.34 11.82
CA ILE B 51 17.80 4.79 12.31
C ILE B 51 18.02 6.01 13.24
N ASN B 52 19.00 5.92 14.13
CA ASN B 52 19.39 7.07 14.95
C ASN B 52 19.92 8.30 14.19
N GLN B 53 20.60 8.11 13.05
CA GLN B 53 21.01 9.24 12.21
C GLN B 53 19.76 9.98 11.70
N MET B 54 18.75 9.21 11.29
CA MET B 54 17.48 9.76 10.82
C MET B 54 16.86 10.60 11.91
N LEU B 55 16.94 10.09 13.13
CA LEU B 55 16.33 10.73 14.29
C LEU B 55 17.06 11.99 14.72
N ASN B 56 18.38 11.93 14.80
CA ASN B 56 19.17 13.14 15.02
C ASN B 56 18.86 14.28 14.02
N CYS B 57 18.36 13.98 12.83
CA CYS B 57 18.00 15.02 11.84
C CYS B 57 16.79 15.83 12.19
N VAL B 58 15.82 15.16 12.82
CA VAL B 58 14.57 15.77 13.27
C VAL B 58 14.62 15.93 14.80
N GLY B 59 15.83 16.05 15.33
CA GLY B 59 16.04 16.19 16.76
C GLY B 59 15.49 17.45 17.39
N ASP B 60 15.19 18.46 16.55
CA ASP B 60 14.73 19.73 17.04
C ASP B 60 13.21 19.78 17.14
N HIS B 61 12.56 18.63 16.97
CA HIS B 61 11.16 18.42 17.33
C HIS B 61 11.14 17.63 18.61
N GLN B 62 11.54 18.30 19.68
N GLN B 62 11.53 18.27 19.70
CA GLN B 62 11.72 17.67 20.98
CA GLN B 62 11.74 17.55 20.94
C GLN B 62 10.46 16.93 21.43
C GLN B 62 10.45 17.07 21.62
N ALA B 63 9.31 17.47 21.09
CA ALA B 63 8.04 16.93 21.54
C ALA B 63 7.86 15.51 21.03
N ALA B 64 8.05 15.34 19.71
CA ALA B 64 7.96 14.04 19.10
C ALA B 64 9.12 13.15 19.56
N MET B 65 10.32 13.73 19.67
CA MET B 65 11.47 13.01 20.21
C MET B 65 11.14 12.37 21.56
N GLN B 66 10.41 13.10 22.40
CA GLN B 66 10.09 12.68 23.74
C GLN B 66 9.11 11.50 23.68
N ILE B 67 8.01 11.66 22.96
CA ILE B 67 7.11 10.55 22.65
C ILE B 67 7.87 9.30 22.16
N ILE B 68 8.86 9.51 21.29
CA ILE B 68 9.64 8.39 20.75
C ILE B 68 10.49 7.79 21.88
N ARG B 69 11.03 8.66 22.74
CA ARG B 69 11.85 8.20 23.84
C ARG B 69 11.03 7.32 24.78
N GLU B 70 9.78 7.68 25.06
CA GLU B 70 9.03 6.90 26.00
C GLU B 70 8.92 5.50 25.43
N ILE B 71 8.62 5.42 24.14
CA ILE B 71 8.36 4.16 23.49
C ILE B 71 9.60 3.27 23.51
N ILE B 72 10.71 3.73 22.92
CA ILE B 72 11.99 3.03 23.01
C ILE B 72 12.22 2.50 24.42
N ASN B 73 11.97 3.34 25.41
CA ASN B 73 12.09 2.89 26.78
C ASN B 73 11.10 1.78 27.14
N GLU B 74 9.80 1.98 26.95
CA GLU B 74 8.85 0.89 27.15
C GLU B 74 9.30 -0.41 26.51
N GLU B 75 9.78 -0.31 25.27
CA GLU B 75 10.05 -1.52 24.50
C GLU B 75 11.37 -2.15 24.88
N ALA B 76 12.36 -1.31 25.16
CA ALA B 76 13.69 -1.83 25.50
C ALA B 76 13.63 -2.54 26.84
N ALA B 77 12.69 -2.14 27.68
CA ALA B 77 12.54 -2.80 28.97
C ALA B 77 11.92 -4.19 28.81
N GLU B 78 10.90 -4.32 27.97
N GLU B 78 10.87 -4.31 27.99
CA GLU B 78 10.21 -5.59 27.79
CA GLU B 78 10.18 -5.57 27.72
C GLU B 78 11.07 -6.59 27.03
C GLU B 78 11.13 -6.56 27.10
N TRP B 79 11.94 -6.07 26.17
CA TRP B 79 12.97 -6.89 25.56
C TRP B 79 13.86 -7.56 26.62
N ASP B 80 14.22 -6.78 27.64
CA ASP B 80 15.17 -7.25 28.62
C ASP B 80 14.56 -8.25 29.55
N VAL B 81 13.27 -8.06 29.79
CA VAL B 81 12.51 -8.94 30.67
C VAL B 81 12.25 -10.27 29.97
N GLN B 82 12.12 -10.24 28.65
CA GLN B 82 11.76 -11.42 27.88
C GLN B 82 13.00 -12.14 27.40
N HIS B 83 14.17 -11.57 27.69
CA HIS B 83 15.46 -12.23 27.51
C HIS B 83 16.23 -12.19 28.82
N PRO B 84 15.84 -13.03 29.78
CA PRO B 84 16.30 -12.95 31.17
C PRO B 84 17.80 -12.66 31.41
N ILE B 85 18.68 -13.42 30.73
CA ILE B 85 20.13 -13.40 30.99
C ILE B 85 20.43 -13.84 32.42
N PRO B 86 21.18 -14.94 32.56
CA PRO B 86 21.26 -15.55 33.89
C PRO B 86 22.11 -14.77 34.88
N ALA B 87 21.94 -15.08 36.15
CA ALA B 87 22.86 -14.65 37.19
C ALA B 87 24.12 -15.43 36.96
N GLY B 88 25.25 -14.74 36.85
CA GLY B 88 25.30 -13.29 36.83
C GLY B 88 26.16 -12.93 35.65
N PRO B 89 25.64 -12.09 34.73
CA PRO B 89 26.22 -11.78 33.42
C PRO B 89 27.67 -12.22 33.31
N LEU B 90 27.87 -13.50 32.98
CA LEU B 90 29.13 -14.19 33.22
C LEU B 90 30.38 -13.30 33.10
N PRO B 91 30.73 -12.82 31.87
CA PRO B 91 30.28 -13.07 30.49
C PRO B 91 31.20 -14.07 29.77
N ALA B 92 31.82 -13.66 28.65
CA ALA B 92 32.89 -14.46 27.99
C ALA B 92 33.83 -13.67 27.03
N GLY B 93 33.72 -13.95 25.74
CA GLY B 93 34.52 -13.28 24.70
C GLY B 93 33.65 -13.04 23.47
N GLN B 94 33.07 -14.13 22.95
CA GLN B 94 32.04 -14.07 21.90
C GLN B 94 31.01 -12.96 22.20
N LEU B 95 30.63 -12.19 21.18
CA LEU B 95 29.69 -11.06 21.32
C LEU B 95 28.37 -11.45 22.02
N ARG B 96 28.04 -10.66 23.06
CA ARG B 96 26.82 -10.83 23.85
C ARG B 96 25.59 -10.84 22.96
N GLU B 97 24.55 -11.54 23.40
CA GLU B 97 23.25 -11.43 22.76
C GLU B 97 22.79 -10.01 23.03
N PRO B 98 22.03 -9.40 22.10
CA PRO B 98 21.64 -7.99 22.33
C PRO B 98 20.60 -7.79 23.45
N ARG B 99 20.83 -6.76 24.26
CA ARG B 99 19.87 -6.29 25.24
C ARG B 99 19.02 -5.28 24.54
N GLY B 100 18.09 -4.69 25.27
CA GLY B 100 17.15 -3.74 24.71
C GLY B 100 17.80 -2.50 24.14
N SER B 101 18.92 -2.09 24.73
CA SER B 101 19.65 -0.92 24.27
C SER B 101 20.73 -1.19 23.20
N ASP B 102 21.06 -2.46 22.93
CA ASP B 102 22.00 -2.74 21.82
C ASP B 102 21.18 -2.65 20.56
N ILE B 103 19.90 -2.95 20.73
CA ILE B 103 18.90 -2.87 19.66
C ILE B 103 18.62 -1.39 19.41
N ALA B 104 18.67 -0.58 20.46
CA ALA B 104 18.49 0.87 20.35
C ALA B 104 19.76 1.61 19.96
N GLY B 105 20.88 0.89 19.87
CA GLY B 105 22.09 1.48 19.36
C GLY B 105 22.74 2.38 20.39
N THR B 106 22.21 2.38 21.60
CA THR B 106 22.81 3.15 22.70
C THR B 106 24.08 2.50 23.26
N THR B 107 24.05 1.20 23.42
CA THR B 107 25.08 0.52 24.15
C THR B 107 25.82 -0.39 23.20
N SER B 108 25.73 -0.05 21.91
CA SER B 108 26.38 -0.83 20.83
C SER B 108 26.93 0.03 19.66
N THR B 109 27.76 -0.61 18.85
CA THR B 109 28.33 0.02 17.66
C THR B 109 27.69 -0.59 16.43
N VAL B 110 27.87 0.06 15.28
CA VAL B 110 27.26 -0.38 14.03
C VAL B 110 27.81 -1.73 13.64
N GLU B 111 29.12 -1.88 13.82
CA GLU B 111 29.83 -3.14 13.66
C GLU B 111 29.13 -4.25 14.48
N GLU B 112 28.82 -3.94 15.75
CA GLU B 112 28.07 -4.88 16.60
C GLU B 112 26.66 -5.13 16.07
N GLN B 113 26.01 -4.09 15.58
CA GLN B 113 24.69 -4.23 14.99
C GLN B 113 24.73 -5.09 13.71
N ILE B 114 25.72 -4.84 12.87
CA ILE B 114 25.86 -5.61 11.64
C ILE B 114 26.19 -7.08 12.00
N GLN B 115 26.92 -7.26 13.11
N GLN B 115 26.93 -7.29 13.08
CA GLN B 115 27.33 -8.58 13.60
CA GLN B 115 27.25 -8.65 13.46
C GLN B 115 26.14 -9.45 13.99
C GLN B 115 26.01 -9.44 13.83
N TRP B 116 25.16 -8.87 14.69
CA TRP B 116 23.90 -9.55 15.06
C TRP B 116 23.04 -9.85 13.85
N MET B 117 22.95 -8.91 12.91
CA MET B 117 22.08 -9.06 11.76
C MET B 117 22.54 -10.11 10.77
N PHE B 118 23.85 -10.33 10.64
CA PHE B 118 24.40 -11.16 9.57
C PHE B 118 25.13 -12.46 9.95
N ARG B 119 25.59 -12.55 11.19
CA ARG B 119 26.20 -13.79 11.66
C ARG B 119 25.27 -14.95 11.31
N PRO B 120 25.84 -16.11 10.93
CA PRO B 120 25.01 -17.12 10.27
C PRO B 120 24.24 -18.00 11.24
N GLN B 121 24.82 -18.22 12.42
CA GLN B 121 24.18 -19.01 13.45
C GLN B 121 23.32 -18.04 14.25
N ASN B 122 22.01 -18.21 14.19
CA ASN B 122 21.04 -17.31 14.82
C ASN B 122 21.37 -15.82 14.68
N PRO B 123 21.08 -15.23 13.50
CA PRO B 123 21.13 -13.78 13.43
C PRO B 123 19.99 -13.16 14.22
N VAL B 124 20.12 -11.89 14.53
CA VAL B 124 19.08 -11.16 15.22
C VAL B 124 18.91 -9.90 14.42
N PRO B 125 17.71 -9.68 13.85
CA PRO B 125 17.41 -8.50 13.05
C PRO B 125 17.24 -7.23 13.90
N VAL B 126 18.35 -6.66 14.35
CA VAL B 126 18.31 -5.49 15.23
C VAL B 126 17.80 -4.20 14.59
N GLY B 127 18.36 -3.80 13.45
CA GLY B 127 17.75 -2.78 12.59
C GLY B 127 16.22 -2.83 12.47
N ASN B 128 15.66 -3.97 12.07
CA ASN B 128 14.20 -4.11 11.92
C ASN B 128 13.41 -4.11 13.22
N ILE B 129 13.89 -4.80 14.26
CA ILE B 129 13.21 -4.77 15.55
C ILE B 129 13.18 -3.33 16.02
N TYR B 130 14.27 -2.62 15.80
CA TYR B 130 14.33 -1.22 16.18
C TYR B 130 13.41 -0.36 15.30
N ARG B 131 13.32 -0.68 14.00
CA ARG B 131 12.39 0.02 13.10
C ARG B 131 10.99 -0.09 13.68
N ARG B 132 10.63 -1.30 14.09
N ARG B 132 10.63 -1.31 14.08
CA ARG B 132 9.33 -1.60 14.63
CA ARG B 132 9.34 -1.62 14.65
C ARG B 132 9.00 -0.72 15.84
C ARG B 132 9.01 -0.69 15.81
N TRP B 133 10.01 -0.42 16.66
CA TRP B 133 9.80 0.42 17.87
C TRP B 133 9.67 1.91 17.55
N ILE B 134 10.26 2.31 16.42
CA ILE B 134 10.25 3.70 16.01
C ILE B 134 8.94 4.00 15.28
N GLN B 135 8.32 2.97 14.68
CA GLN B 135 7.03 3.13 14.00
C GLN B 135 5.86 3.37 14.97
N ILE B 136 5.83 2.57 16.04
CA ILE B 136 4.89 2.70 17.13
C ILE B 136 5.02 4.09 17.75
N GLY B 137 6.26 4.58 17.84
CA GLY B 137 6.51 5.91 18.39
C GLY B 137 5.94 6.97 17.44
N LEU B 138 6.33 6.85 16.16
CA LEU B 138 5.80 7.71 15.10
C LEU B 138 4.27 7.63 14.98
N GLN B 139 3.69 6.43 14.93
CA GLN B 139 2.22 6.29 14.99
C GLN B 139 1.63 7.07 16.16
N LYS B 140 2.29 7.00 17.30
CA LYS B 140 1.87 7.75 18.45
C LYS B 140 2.01 9.27 18.16
N CYS B 141 3.13 9.70 17.57
CA CYS B 141 3.36 11.12 17.29
C CYS B 141 2.32 11.71 16.37
N VAL B 142 1.90 10.95 15.37
CA VAL B 142 0.83 11.36 14.46
C VAL B 142 -0.52 11.55 15.18
N ARG B 143 -0.80 10.63 16.11
N ARG B 143 -0.80 10.64 16.11
CA ARG B 143 -2.00 10.68 16.93
CA ARG B 143 -2.01 10.68 16.93
C ARG B 143 -1.94 11.83 17.91
C ARG B 143 -1.94 11.86 17.88
N MET B 144 -0.72 12.15 18.34
CA MET B 144 -0.53 13.11 19.45
C MET B 144 -0.32 14.56 19.08
N TYR B 145 0.13 14.78 17.86
CA TYR B 145 0.56 16.10 17.44
C TYR B 145 -0.48 17.21 17.35
N PRO C 1 -18.43 -9.31 11.85
CA PRO C 1 -18.09 -8.21 12.71
C PRO C 1 -19.23 -7.72 13.59
N VAL C 2 -19.15 -6.45 13.98
CA VAL C 2 -19.94 -5.91 15.08
C VAL C 2 -20.81 -4.75 14.62
N GLN C 3 -21.99 -4.64 15.24
CA GLN C 3 -22.91 -3.54 15.03
C GLN C 3 -23.43 -2.97 16.35
N HIS C 4 -23.66 -1.66 16.37
CA HIS C 4 -24.29 -0.94 17.47
C HIS C 4 -25.80 -1.00 17.25
N VAL C 5 -26.54 -1.56 18.22
CA VAL C 5 -27.99 -1.58 18.14
C VAL C 5 -28.61 -0.74 19.28
N GLY C 6 -27.99 0.42 19.53
CA GLY C 6 -28.31 1.22 20.71
C GLY C 6 -27.94 0.45 21.97
N GLY C 7 -27.24 1.14 22.88
CA GLY C 7 -26.79 0.54 24.13
C GLY C 7 -25.85 -0.64 23.95
N THR C 8 -26.16 -1.48 22.97
CA THR C 8 -25.52 -2.79 22.81
C THR C 8 -24.74 -2.93 21.50
N TYR C 9 -23.78 -3.85 21.52
CA TYR C 9 -23.03 -4.26 20.35
C TYR C 9 -23.32 -5.74 20.10
N THR C 10 -23.64 -6.11 18.87
CA THR C 10 -23.93 -7.52 18.57
C THR C 10 -23.17 -8.03 17.34
N HIS C 11 -23.35 -9.31 17.02
CA HIS C 11 -22.66 -9.91 15.89
C HIS C 11 -23.45 -9.75 14.62
N ILE C 12 -22.72 -9.59 13.52
CA ILE C 12 -23.25 -9.72 12.16
C ILE C 12 -22.23 -10.52 11.32
N PRO C 13 -22.68 -11.64 10.73
CA PRO C 13 -21.76 -12.51 10.03
C PRO C 13 -21.20 -11.80 8.81
N LEU C 14 -20.03 -12.23 8.31
CA LEU C 14 -19.48 -11.68 7.06
C LEU C 14 -20.39 -12.04 5.90
N SER C 15 -20.57 -11.14 4.94
CA SER C 15 -21.41 -11.49 3.82
C SER C 15 -20.83 -12.76 3.19
N PRO C 16 -21.72 -13.67 2.71
CA PRO C 16 -21.30 -14.85 1.93
C PRO C 16 -20.36 -14.48 0.77
N ARG C 17 -20.66 -13.36 0.08
CA ARG C 17 -19.84 -12.87 -1.03
CA ARG C 17 -19.84 -12.86 -1.02
CA ARG C 17 -19.83 -12.90 -1.03
C ARG C 17 -18.43 -12.52 -0.56
N THR C 18 -18.33 -11.97 0.66
CA THR C 18 -17.03 -11.62 1.22
C THR C 18 -16.21 -12.91 1.45
N LEU C 19 -16.82 -13.90 2.11
CA LEU C 19 -16.20 -15.22 2.24
C LEU C 19 -15.71 -15.79 0.91
N ASN C 20 -16.53 -15.74 -0.14
CA ASN C 20 -16.10 -16.25 -1.44
CA ASN C 20 -16.12 -16.22 -1.46
C ASN C 20 -14.92 -15.47 -2.01
N ALA C 21 -14.90 -14.16 -1.78
CA ALA C 21 -13.79 -13.33 -2.23
C ALA C 21 -12.52 -13.83 -1.58
N TRP C 22 -12.59 -14.18 -0.30
CA TRP C 22 -11.41 -14.70 0.42
C TRP C 22 -10.88 -15.98 -0.23
N VAL C 23 -11.80 -16.85 -0.66
CA VAL C 23 -11.42 -18.12 -1.25
C VAL C 23 -10.93 -17.94 -2.65
N LYS C 24 -11.67 -17.23 -3.50
CA LYS C 24 -11.13 -16.91 -4.81
C LYS C 24 -9.69 -16.40 -4.65
N LEU C 25 -9.47 -15.59 -3.62
CA LEU C 25 -8.22 -14.86 -3.45
C LEU C 25 -7.06 -15.81 -3.12
N VAL C 26 -7.38 -16.78 -2.26
CA VAL C 26 -6.44 -17.82 -1.87
C VAL C 26 -6.10 -18.77 -3.03
N GLU C 27 -7.13 -19.23 -3.74
N GLU C 27 -7.12 -19.23 -3.75
N GLU C 27 -7.12 -19.27 -3.73
CA GLU C 27 -6.96 -20.21 -4.81
CA GLU C 27 -6.95 -20.21 -4.81
CA GLU C 27 -6.89 -20.23 -4.82
C GLU C 27 -6.36 -19.66 -6.12
C GLU C 27 -6.37 -19.67 -6.11
C GLU C 27 -6.21 -19.67 -6.06
N GLU C 28 -6.17 -18.35 -6.18
CA GLU C 28 -5.67 -17.68 -7.39
C GLU C 28 -4.24 -18.05 -7.86
N LYS C 29 -3.28 -17.92 -6.97
CA LYS C 29 -1.89 -18.28 -7.21
C LYS C 29 -1.48 -19.31 -6.19
N LYS C 30 -2.44 -19.72 -5.36
CA LYS C 30 -2.24 -20.73 -4.30
C LYS C 30 -1.32 -20.23 -3.15
N PHE C 31 -1.91 -19.44 -2.25
CA PHE C 31 -1.18 -18.61 -1.30
C PHE C 31 -0.02 -17.84 -1.95
N GLY C 32 -0.33 -17.14 -3.04
CA GLY C 32 0.55 -16.10 -3.53
C GLY C 32 0.55 -14.91 -2.58
N ALA C 33 1.50 -14.00 -2.79
CA ALA C 33 1.73 -12.82 -1.95
C ALA C 33 0.46 -12.01 -1.58
N GLU C 34 -0.49 -11.96 -2.51
CA GLU C 34 -1.72 -11.21 -2.35
C GLU C 34 -2.67 -11.68 -1.23
N VAL C 35 -2.44 -12.84 -0.62
CA VAL C 35 -3.40 -13.32 0.38
C VAL C 35 -3.32 -12.47 1.62
N VAL C 36 -2.15 -11.86 1.81
CA VAL C 36 -1.83 -11.04 2.98
C VAL C 36 -2.63 -9.73 2.91
N PRO C 37 -2.39 -8.87 1.90
CA PRO C 37 -3.28 -7.73 1.74
C PRO C 37 -4.74 -8.13 1.70
N GLY C 38 -5.06 -9.19 0.97
CA GLY C 38 -6.45 -9.65 0.88
C GLY C 38 -7.04 -9.96 2.24
N PHE C 39 -6.27 -10.60 3.10
CA PHE C 39 -6.78 -10.92 4.42
C PHE C 39 -6.90 -9.68 5.27
N GLN C 40 -5.96 -8.74 5.17
CA GLN C 40 -6.03 -7.46 5.90
C GLN C 40 -7.34 -6.75 5.63
N ALA C 41 -7.63 -6.55 4.36
CA ALA C 41 -8.84 -5.89 3.93
C ALA C 41 -10.12 -6.63 4.34
N LEU C 42 -10.24 -7.90 3.99
CA LEU C 42 -11.51 -8.59 4.17
C LEU C 42 -11.80 -8.87 5.64
N SER C 43 -10.79 -8.70 6.49
CA SER C 43 -10.95 -9.00 7.90
C SER C 43 -10.95 -7.74 8.79
N GLU C 44 -11.24 -6.59 8.18
CA GLU C 44 -11.58 -5.36 8.92
C GLU C 44 -12.77 -5.58 9.84
N GLY C 45 -12.58 -5.18 11.11
CA GLY C 45 -13.65 -5.13 12.08
C GLY C 45 -14.08 -6.49 12.61
N CYS C 46 -13.33 -7.52 12.24
CA CYS C 46 -13.63 -8.90 12.60
C CYS C 46 -13.37 -9.26 14.05
N THR C 47 -14.28 -10.05 14.60
CA THR C 47 -14.02 -10.79 15.83
C THR C 47 -13.28 -12.11 15.48
N PRO C 48 -12.60 -12.75 16.45
CA PRO C 48 -11.96 -14.05 16.30
C PRO C 48 -12.79 -15.12 15.63
N TYR C 49 -14.05 -15.22 16.05
CA TYR C 49 -15.04 -16.13 15.51
C TYR C 49 -15.24 -15.97 14.01
N ASP C 50 -15.18 -14.72 13.53
CA ASP C 50 -15.33 -14.40 12.11
C ASP C 50 -14.11 -14.85 11.32
N ILE C 51 -12.95 -14.44 11.82
CA ILE C 51 -11.65 -14.84 11.27
C ILE C 51 -11.55 -16.34 11.14
N ASN C 52 -12.09 -17.05 12.13
CA ASN C 52 -12.13 -18.52 12.11
C ASN C 52 -13.06 -19.10 11.03
N GLN C 53 -14.15 -18.39 10.69
CA GLN C 53 -14.94 -18.75 9.52
C GLN C 53 -14.15 -18.63 8.22
N MET C 54 -13.24 -17.65 8.17
CA MET C 54 -12.48 -17.44 6.95
C MET C 54 -11.55 -18.61 6.77
N LEU C 55 -10.97 -19.04 7.87
CA LEU C 55 -10.05 -20.17 7.87
C LEU C 55 -10.74 -21.48 7.44
N ASN C 56 -11.96 -21.71 7.93
CA ASN C 56 -12.73 -22.92 7.60
C ASN C 56 -13.25 -22.91 6.17
N CYS C 57 -13.19 -21.74 5.53
CA CYS C 57 -13.61 -21.67 4.15
C CYS C 57 -12.49 -22.18 3.23
N VAL C 58 -11.24 -22.05 3.70
CA VAL C 58 -10.06 -22.57 3.02
C VAL C 58 -9.42 -23.76 3.75
N GLY C 59 -10.23 -24.49 4.52
CA GLY C 59 -9.77 -25.65 5.31
C GLY C 59 -9.29 -26.86 4.52
N ASP C 60 -9.73 -26.98 3.28
CA ASP C 60 -9.24 -28.03 2.41
C ASP C 60 -7.88 -27.69 1.86
N HIS C 61 -7.25 -26.65 2.39
CA HIS C 61 -5.86 -26.34 2.08
C HIS C 61 -5.03 -26.63 3.32
N GLN C 62 -4.96 -27.93 3.66
N GLN C 62 -5.01 -27.89 3.72
CA GLN C 62 -4.43 -28.40 4.95
CA GLN C 62 -4.43 -28.24 5.01
C GLN C 62 -2.96 -28.12 5.23
C GLN C 62 -3.03 -27.74 5.21
N ALA C 63 -2.18 -27.82 4.20
CA ALA C 63 -0.76 -27.43 4.37
C ALA C 63 -0.61 -26.06 5.01
N ALA C 64 -1.33 -25.07 4.47
CA ALA C 64 -1.36 -23.73 5.03
C ALA C 64 -2.09 -23.71 6.37
N MET C 65 -3.14 -24.52 6.55
CA MET C 65 -3.83 -24.50 7.82
C MET C 65 -2.82 -24.87 8.87
N GLN C 66 -2.10 -25.97 8.66
CA GLN C 66 -1.13 -26.47 9.64
C GLN C 66 0.02 -25.48 9.89
N ILE C 67 0.49 -24.83 8.84
CA ILE C 67 1.47 -23.74 8.98
C ILE C 67 0.89 -22.60 9.81
N ILE C 68 -0.35 -22.20 9.51
CA ILE C 68 -1.00 -21.13 10.24
C ILE C 68 -1.16 -21.56 11.70
N ARG C 69 -1.84 -22.68 11.94
CA ARG C 69 -2.08 -23.20 13.31
C ARG C 69 -0.85 -23.23 14.25
N GLU C 70 0.28 -23.67 13.72
CA GLU C 70 1.49 -23.75 14.52
C GLU C 70 1.94 -22.37 14.99
N ILE C 71 1.69 -21.35 14.18
CA ILE C 71 1.93 -19.94 14.55
C ILE C 71 0.91 -19.40 15.61
N ILE C 72 -0.37 -19.74 15.47
CA ILE C 72 -1.38 -19.39 16.48
C ILE C 72 -0.94 -19.99 17.80
N ASN C 73 -0.61 -21.28 17.80
CA ASN C 73 -0.16 -21.93 19.00
C ASN C 73 1.05 -21.22 19.62
N GLU C 74 2.02 -20.84 18.79
CA GLU C 74 3.21 -20.07 19.25
C GLU C 74 2.82 -18.72 19.85
N GLU C 75 2.00 -17.96 19.13
CA GLU C 75 1.55 -16.66 19.59
C GLU C 75 0.77 -16.77 20.88
N ALA C 76 -0.22 -17.66 20.91
CA ALA C 76 -1.03 -17.82 22.11
C ALA C 76 -0.20 -18.35 23.27
N ALA C 77 0.88 -19.07 22.96
CA ALA C 77 1.80 -19.50 24.01
C ALA C 77 2.49 -18.28 24.62
N GLU C 78 2.99 -17.37 23.78
N GLU C 78 3.01 -17.39 23.77
CA GLU C 78 3.73 -16.22 24.27
CA GLU C 78 3.71 -16.19 24.23
C GLU C 78 2.84 -15.17 24.95
C GLU C 78 2.81 -15.26 25.02
N TRP C 79 1.58 -15.12 24.57
CA TRP C 79 0.60 -14.24 25.20
C TRP C 79 0.29 -14.77 26.59
N ASP C 80 0.19 -16.10 26.67
CA ASP C 80 -0.07 -16.77 27.94
C ASP C 80 0.96 -16.37 29.00
N VAL C 81 2.23 -16.48 28.63
CA VAL C 81 3.36 -16.06 29.46
C VAL C 81 3.28 -14.62 29.95
N GLN C 82 2.97 -13.68 29.04
CA GLN C 82 3.01 -12.25 29.33
C GLN C 82 1.79 -11.73 30.09
N HIS C 83 0.64 -12.37 29.89
CA HIS C 83 -0.56 -12.10 30.69
C HIS C 83 -0.90 -13.32 31.56
N PRO C 84 -0.42 -13.33 32.82
CA PRO C 84 -0.74 -14.41 33.76
C PRO C 84 -2.20 -14.38 34.24
N ILE C 85 -2.79 -15.55 34.37
CA ILE C 85 -4.12 -15.74 34.93
C ILE C 85 -4.22 -15.12 36.35
N PRO C 86 -5.38 -14.53 36.70
CA PRO C 86 -5.42 -13.92 38.01
C PRO C 86 -5.63 -14.99 39.08
N ALA C 87 -4.84 -14.92 40.15
CA ALA C 87 -5.01 -15.81 41.29
C ALA C 87 -6.33 -15.41 41.89
N GLY C 88 -7.15 -16.39 42.30
CA GLY C 88 -8.38 -16.02 43.00
C GLY C 88 -9.64 -15.96 42.15
N PRO C 89 -10.80 -16.14 42.81
CA PRO C 89 -12.11 -16.44 42.25
C PRO C 89 -12.59 -15.56 41.09
N LEU C 90 -12.03 -14.34 40.95
CA LEU C 90 -12.49 -13.28 39.98
C LEU C 90 -13.96 -12.92 40.19
N PRO C 91 -14.29 -11.60 40.08
CA PRO C 91 -15.60 -11.19 40.58
C PRO C 91 -16.70 -12.06 39.99
N ALA C 92 -17.04 -13.17 40.62
CA ALA C 92 -17.80 -14.33 39.96
C ALA C 92 -19.25 -14.04 39.57
N GLY C 93 -19.40 -13.75 38.28
CA GLY C 93 -20.67 -13.38 37.67
C GLY C 93 -20.27 -12.79 36.32
N GLN C 94 -19.20 -11.98 36.36
CA GLN C 94 -18.73 -11.25 35.19
C GLN C 94 -17.73 -12.05 34.33
N LEU C 95 -16.84 -11.34 33.61
CA LEU C 95 -15.97 -11.96 32.61
C LEU C 95 -14.48 -11.98 32.97
N ARG C 96 -13.81 -13.04 32.51
CA ARG C 96 -12.35 -13.24 32.63
C ARG C 96 -11.51 -12.37 31.70
N GLU C 97 -10.31 -11.97 32.14
CA GLU C 97 -9.32 -11.50 31.18
C GLU C 97 -9.03 -12.67 30.23
N PRO C 98 -8.67 -12.38 28.97
CA PRO C 98 -8.69 -13.37 27.88
C PRO C 98 -7.41 -14.15 27.69
N ARG C 99 -7.53 -15.46 27.52
CA ARG C 99 -6.34 -16.28 27.27
C ARG C 99 -5.96 -16.14 25.81
N GLY C 100 -4.76 -16.58 25.47
CA GLY C 100 -4.32 -16.69 24.08
C GLY C 100 -5.23 -17.57 23.23
N SER C 101 -5.80 -18.61 23.83
CA SER C 101 -6.75 -19.44 23.12
C SER C 101 -8.09 -18.73 23.05
N ASP C 102 -8.29 -17.79 23.97
CA ASP C 102 -9.50 -16.99 23.98
C ASP C 102 -9.49 -16.02 22.80
N ILE C 103 -8.35 -15.41 22.52
CA ILE C 103 -8.21 -14.50 21.38
C ILE C 103 -8.28 -15.23 20.03
N ALA C 104 -8.05 -16.53 20.05
CA ALA C 104 -8.00 -17.32 18.83
C ALA C 104 -9.34 -18.00 18.57
N GLY C 105 -10.26 -17.85 19.50
CA GLY C 105 -11.60 -18.38 19.31
C GLY C 105 -11.78 -19.82 19.75
N THR C 106 -10.73 -20.48 20.18
CA THR C 106 -10.84 -21.88 20.58
C THR C 106 -11.74 -22.05 21.81
N THR C 107 -11.61 -21.15 22.77
CA THR C 107 -12.24 -21.30 24.08
C THR C 107 -13.19 -20.15 24.40
N SER C 108 -13.46 -19.30 23.40
CA SER C 108 -14.30 -18.14 23.62
C SER C 108 -15.41 -18.05 22.61
N THR C 109 -16.58 -17.68 23.10
CA THR C 109 -17.72 -17.35 22.26
C THR C 109 -17.56 -15.94 21.72
N VAL C 110 -18.24 -15.66 20.61
CA VAL C 110 -18.25 -14.32 19.99
C VAL C 110 -18.81 -13.24 20.91
N GLU C 111 -19.79 -13.58 21.74
CA GLU C 111 -20.33 -12.63 22.74
C GLU C 111 -19.20 -12.14 23.65
N GLU C 112 -18.44 -13.09 24.20
CA GLU C 112 -17.25 -12.79 24.99
C GLU C 112 -16.26 -11.90 24.24
N GLN C 113 -15.95 -12.29 23.00
CA GLN C 113 -15.05 -11.53 22.14
C GLN C 113 -15.55 -10.11 21.93
N ILE C 114 -16.86 -9.97 21.76
CA ILE C 114 -17.47 -8.65 21.63
C ILE C 114 -17.28 -7.87 22.93
N GLN C 115 -17.48 -8.55 24.06
N GLN C 115 -17.57 -8.50 24.07
CA GLN C 115 -17.40 -7.97 25.41
CA GLN C 115 -17.40 -7.84 25.36
C GLN C 115 -16.01 -7.47 25.86
C GLN C 115 -16.01 -7.19 25.45
N TRP C 116 -14.95 -7.96 25.23
CA TRP C 116 -13.57 -7.46 25.46
C TRP C 116 -13.22 -6.38 24.48
N MET C 117 -13.87 -6.39 23.33
CA MET C 117 -13.53 -5.48 22.26
C MET C 117 -14.17 -4.12 22.44
N PHE C 118 -15.40 -4.10 22.96
CA PHE C 118 -16.13 -2.85 23.22
C PHE C 118 -16.75 -2.81 24.63
N ARG C 119 -15.93 -3.03 25.65
CA ARG C 119 -16.27 -2.65 27.02
C ARG C 119 -15.45 -1.39 27.28
N PRO C 120 -15.90 -0.54 28.23
CA PRO C 120 -15.37 0.84 28.32
C PRO C 120 -14.03 0.97 29.07
N GLN C 121 -13.84 0.04 30.02
CA GLN C 121 -12.65 0.04 30.87
C GLN C 121 -11.59 -0.99 30.41
N ASN C 122 -10.46 -0.46 29.93
CA ASN C 122 -9.38 -1.23 29.27
C ASN C 122 -9.87 -2.31 28.31
N PRO C 123 -10.27 -1.89 27.09
CA PRO C 123 -10.68 -2.87 26.09
C PRO C 123 -9.48 -3.60 25.49
N VAL C 124 -9.64 -4.90 25.23
CA VAL C 124 -8.61 -5.67 24.57
C VAL C 124 -9.09 -5.96 23.13
N PRO C 125 -8.32 -5.54 22.12
CA PRO C 125 -8.72 -5.77 20.75
C PRO C 125 -8.45 -7.21 20.26
N VAL C 126 -9.20 -8.19 20.76
CA VAL C 126 -8.94 -9.60 20.43
C VAL C 126 -8.88 -9.93 18.93
N GLY C 127 -9.91 -9.50 18.22
CA GLY C 127 -9.99 -9.67 16.77
C GLY C 127 -8.78 -9.16 16.05
N ASN C 128 -8.24 -8.01 16.45
CA ASN C 128 -7.11 -7.42 15.76
C ASN C 128 -5.79 -8.02 16.21
N ILE C 129 -5.79 -8.50 17.45
CA ILE C 129 -4.69 -9.35 17.95
C ILE C 129 -4.67 -10.68 17.18
N TYR C 130 -5.85 -11.24 16.92
CA TYR C 130 -5.95 -12.48 16.14
C TYR C 130 -5.53 -12.35 14.66
N ARG C 131 -6.02 -11.31 13.97
CA ARG C 131 -5.53 -10.90 12.65
C ARG C 131 -4.00 -10.72 12.56
N ARG C 132 -3.38 -10.29 13.65
N ARG C 132 -3.40 -10.22 13.65
CA ARG C 132 -1.93 -10.09 13.69
CA ARG C 132 -1.95 -10.12 13.76
C ARG C 132 -1.15 -11.40 13.81
C ARG C 132 -1.33 -11.48 13.50
N TRP C 133 -1.82 -12.47 14.25
CA TRP C 133 -1.25 -13.81 14.29
C TRP C 133 -1.42 -14.46 12.93
N ILE C 134 -2.67 -14.51 12.46
CA ILE C 134 -3.00 -15.05 11.12
C ILE C 134 -2.09 -14.46 10.02
N GLN C 135 -1.88 -13.15 10.07
CA GLN C 135 -0.96 -12.50 9.16
C GLN C 135 0.48 -13.00 9.22
N ILE C 136 0.93 -13.42 10.41
CA ILE C 136 2.27 -14.03 10.56
C ILE C 136 2.26 -15.41 9.88
N GLY C 137 1.18 -16.15 10.09
CA GLY C 137 1.05 -17.45 9.51
C GLY C 137 1.03 -17.33 8.00
N LEU C 138 0.21 -16.40 7.49
CA LEU C 138 0.02 -16.17 6.06
C LEU C 138 1.30 -15.68 5.40
N GLN C 139 1.99 -14.75 6.03
CA GLN C 139 3.33 -14.35 5.60
C GLN C 139 4.18 -15.61 5.41
N LYS C 140 4.07 -16.51 6.38
CA LYS C 140 4.84 -17.75 6.39
C LYS C 140 4.38 -18.71 5.31
N CYS C 141 3.06 -18.93 5.20
CA CYS C 141 2.51 -19.72 4.10
C CYS C 141 3.06 -19.22 2.77
N VAL C 142 3.13 -17.89 2.62
CA VAL C 142 3.64 -17.30 1.38
C VAL C 142 5.07 -17.70 1.06
N ARG C 143 5.95 -17.64 2.05
N ARG C 143 5.96 -17.58 2.04
CA ARG C 143 7.34 -18.04 1.89
CA ARG C 143 7.32 -18.06 1.92
C ARG C 143 7.55 -19.55 1.68
C ARG C 143 7.35 -19.54 1.53
N MET C 144 6.82 -20.37 2.43
CA MET C 144 6.98 -21.83 2.35
C MET C 144 6.26 -22.56 1.22
N TYR C 145 5.17 -22.01 0.71
CA TYR C 145 4.56 -22.54 -0.48
C TYR C 145 5.51 -22.40 -1.68
N PRO D 1 -27.82 -7.86 -7.15
CA PRO D 1 -28.33 -9.20 -7.13
C PRO D 1 -29.82 -9.28 -7.46
N VAL D 2 -30.30 -10.48 -7.75
CA VAL D 2 -31.70 -10.67 -8.12
C VAL D 2 -32.41 -11.54 -7.08
N GLN D 3 -33.48 -11.01 -6.50
CA GLN D 3 -34.33 -11.80 -5.60
C GLN D 3 -35.54 -12.26 -6.39
N HIS D 4 -35.90 -13.54 -6.25
CA HIS D 4 -37.20 -13.97 -6.79
C HIS D 4 -38.26 -14.03 -5.69
N VAL D 5 -39.42 -13.42 -5.96
CA VAL D 5 -40.56 -13.37 -5.04
C VAL D 5 -41.86 -13.13 -5.80
N GLY D 6 -42.97 -13.65 -5.26
CA GLY D 6 -44.32 -13.37 -5.78
C GLY D 6 -44.56 -13.71 -7.24
N GLY D 7 -43.58 -14.34 -7.88
CA GLY D 7 -43.72 -14.75 -9.29
C GLY D 7 -42.97 -13.87 -10.27
N THR D 8 -42.52 -12.71 -9.80
CA THR D 8 -41.73 -11.81 -10.64
C THR D 8 -40.32 -11.62 -10.04
N TYR D 9 -39.28 -11.67 -10.88
CA TYR D 9 -37.90 -11.41 -10.44
C TYR D 9 -37.72 -9.91 -10.19
N THR D 10 -37.23 -9.55 -9.01
CA THR D 10 -36.92 -8.15 -8.72
C THR D 10 -35.49 -7.94 -8.25
N HIS D 11 -35.12 -6.68 -8.06
CA HIS D 11 -33.76 -6.28 -7.71
C HIS D 11 -33.55 -6.21 -6.19
N ILE D 12 -32.43 -6.76 -5.75
CA ILE D 12 -31.95 -6.60 -4.38
C ILE D 12 -30.50 -6.18 -4.44
N PRO D 13 -30.15 -5.11 -3.72
CA PRO D 13 -28.78 -4.65 -3.77
C PRO D 13 -27.77 -5.54 -3.07
N LEU D 14 -26.52 -5.38 -3.45
CA LEU D 14 -25.41 -5.80 -2.65
C LEU D 14 -25.54 -5.09 -1.28
N SER D 15 -25.33 -5.83 -0.20
CA SER D 15 -25.35 -5.23 1.12
C SER D 15 -24.27 -4.12 1.22
N PRO D 16 -24.45 -3.18 2.15
CA PRO D 16 -23.40 -2.19 2.41
C PRO D 16 -22.07 -2.82 2.84
N ARG D 17 -22.11 -3.90 3.62
CA ARG D 17 -20.88 -4.53 4.08
CA ARG D 17 -20.86 -4.49 4.08
CA ARG D 17 -20.92 -4.60 4.10
C ARG D 17 -20.15 -5.23 2.97
N THR D 18 -20.88 -5.62 1.94
CA THR D 18 -20.22 -6.19 0.77
C THR D 18 -19.49 -5.09 -0.02
N LEU D 19 -20.19 -4.00 -0.28
CA LEU D 19 -19.58 -2.81 -0.84
C LEU D 19 -18.37 -2.33 -0.03
N ASN D 20 -18.49 -2.31 1.31
CA ASN D 20 -17.36 -1.92 2.12
CA ASN D 20 -17.36 -1.93 2.13
C ASN D 20 -16.19 -2.88 1.96
N ALA D 21 -16.48 -4.16 1.80
CA ALA D 21 -15.40 -5.12 1.67
C ALA D 21 -14.60 -4.76 0.42
N TRP D 22 -15.34 -4.63 -0.68
CA TRP D 22 -14.81 -4.22 -1.98
C TRP D 22 -13.93 -2.99 -1.86
N VAL D 23 -14.41 -2.00 -1.11
CA VAL D 23 -13.69 -0.74 -0.96
C VAL D 23 -12.36 -0.93 -0.22
N LYS D 24 -12.38 -1.74 0.85
CA LYS D 24 -11.18 -2.00 1.61
C LYS D 24 -10.21 -2.82 0.80
N LEU D 25 -10.74 -3.74 0.01
CA LEU D 25 -9.91 -4.55 -0.86
C LEU D 25 -9.20 -3.70 -1.92
N VAL D 26 -9.93 -2.76 -2.51
CA VAL D 26 -9.33 -1.86 -3.47
C VAL D 26 -8.24 -1.02 -2.80
N GLU D 27 -8.59 -0.32 -1.73
N GLU D 27 -8.61 -0.34 -1.72
N GLU D 27 -8.57 -0.29 -1.76
CA GLU D 27 -7.71 0.65 -1.09
CA GLU D 27 -7.76 0.62 -1.05
CA GLU D 27 -7.63 0.65 -1.16
C GLU D 27 -6.52 0.07 -0.31
C GLU D 27 -6.86 0.05 0.04
C GLU D 27 -6.40 0.02 -0.50
N GLU D 28 -6.53 -1.23 -0.09
CA GLU D 28 -5.54 -1.88 0.78
C GLU D 28 -4.09 -1.78 0.26
N LYS D 29 -3.87 -2.06 -1.05
CA LYS D 29 -2.60 -1.78 -1.69
C LYS D 29 -2.78 -0.83 -2.88
N LYS D 30 -4.01 -0.34 -3.08
CA LYS D 30 -4.43 0.44 -4.27
C LYS D 30 -4.40 -0.38 -5.55
N PHE D 31 -5.50 -1.11 -5.78
CA PHE D 31 -5.60 -2.07 -6.88
C PHE D 31 -4.45 -3.07 -6.89
N GLY D 32 -4.27 -3.76 -5.78
CA GLY D 32 -3.30 -4.84 -5.72
C GLY D 32 -3.93 -6.00 -6.43
N ALA D 33 -3.11 -6.96 -6.88
CA ALA D 33 -3.61 -8.11 -7.67
C ALA D 33 -4.86 -8.74 -7.07
N GLU D 34 -5.01 -8.66 -5.75
CA GLU D 34 -6.15 -9.28 -5.09
C GLU D 34 -7.52 -8.70 -5.48
N VAL D 35 -7.57 -7.59 -6.20
CA VAL D 35 -8.89 -7.03 -6.54
C VAL D 35 -9.54 -7.89 -7.63
N VAL D 36 -8.72 -8.65 -8.35
CA VAL D 36 -9.21 -9.40 -9.51
C VAL D 36 -10.06 -10.60 -9.04
N PRO D 37 -9.47 -11.54 -8.28
CA PRO D 37 -10.36 -12.56 -7.76
C PRO D 37 -11.39 -11.93 -6.86
N GLY D 38 -11.00 -10.86 -6.18
CA GLY D 38 -11.86 -10.18 -5.24
C GLY D 38 -13.13 -9.77 -5.94
N PHE D 39 -13.00 -9.13 -7.10
CA PHE D 39 -14.14 -8.62 -7.84
C PHE D 39 -14.95 -9.74 -8.49
N GLN D 40 -14.24 -10.78 -8.94
CA GLN D 40 -14.88 -11.99 -9.43
C GLN D 40 -16.02 -12.40 -8.50
N ALA D 41 -15.68 -12.62 -7.22
CA ALA D 41 -16.62 -13.20 -6.28
C ALA D 41 -17.63 -12.17 -5.82
N LEU D 42 -17.21 -10.91 -5.78
CA LEU D 42 -18.06 -9.84 -5.25
C LEU D 42 -19.15 -9.43 -6.22
N SER D 43 -18.96 -9.75 -7.49
CA SER D 43 -19.90 -9.38 -8.54
C SER D 43 -20.46 -10.60 -9.24
N GLU D 44 -20.40 -11.74 -8.57
CA GLU D 44 -20.93 -12.98 -9.13
C GLU D 44 -22.44 -12.94 -8.97
N GLY D 45 -23.15 -13.25 -10.06
CA GLY D 45 -24.62 -13.17 -10.08
C GLY D 45 -25.09 -11.74 -10.01
N CYS D 46 -24.28 -10.84 -10.54
CA CYS D 46 -24.56 -9.40 -10.50
C CYS D 46 -25.21 -8.92 -11.78
N THR D 47 -25.71 -7.69 -11.74
CA THR D 47 -26.26 -7.00 -12.90
C THR D 47 -25.42 -5.76 -13.16
N PRO D 48 -25.46 -5.23 -14.39
CA PRO D 48 -24.67 -4.05 -14.75
C PRO D 48 -24.78 -2.90 -13.75
N TYR D 49 -25.94 -2.77 -13.13
CA TYR D 49 -26.20 -1.71 -12.17
C TYR D 49 -25.45 -1.88 -10.83
N ASP D 50 -25.41 -3.11 -10.29
CA ASP D 50 -24.71 -3.38 -9.03
C ASP D 50 -23.21 -3.23 -9.27
N ILE D 51 -22.74 -3.86 -10.35
CA ILE D 51 -21.35 -3.69 -10.81
C ILE D 51 -20.98 -2.22 -10.91
N ASN D 52 -21.96 -1.36 -11.20
CA ASN D 52 -21.73 0.10 -11.25
C ASN D 52 -21.81 0.80 -9.90
N GLN D 53 -22.48 0.17 -8.93
CA GLN D 53 -22.42 0.65 -7.55
C GLN D 53 -20.99 0.42 -7.05
N MET D 54 -20.47 -0.77 -7.33
CA MET D 54 -19.13 -1.13 -6.90
C MET D 54 -18.08 -0.17 -7.44
N LEU D 55 -18.34 0.37 -8.64
CA LEU D 55 -17.44 1.33 -9.25
C LEU D 55 -17.58 2.72 -8.62
N ASN D 56 -18.81 3.12 -8.31
CA ASN D 56 -19.02 4.41 -7.66
C ASN D 56 -18.28 4.57 -6.32
N CYS D 57 -18.24 3.48 -5.55
CA CYS D 57 -17.58 3.47 -4.24
C CYS D 57 -16.10 3.82 -4.35
N VAL D 58 -15.46 3.30 -5.40
CA VAL D 58 -14.04 3.52 -5.68
C VAL D 58 -13.84 4.53 -6.81
N GLY D 59 -14.89 5.29 -7.09
CA GLY D 59 -14.85 6.34 -8.11
C GLY D 59 -13.84 7.41 -7.83
N ASP D 60 -13.55 7.64 -6.56
CA ASP D 60 -12.54 8.63 -6.19
C ASP D 60 -11.09 8.21 -6.52
N HIS D 61 -10.92 7.09 -7.21
CA HIS D 61 -9.61 6.71 -7.76
C HIS D 61 -9.71 6.95 -9.23
N GLN D 62 -9.59 8.22 -9.61
N GLN D 62 -9.60 8.20 -9.66
CA GLN D 62 -9.75 8.64 -11.00
CA GLN D 62 -9.84 8.52 -11.07
C GLN D 62 -8.85 7.86 -11.95
C GLN D 62 -8.78 8.00 -12.05
N ALA D 63 -7.60 7.64 -11.56
CA ALA D 63 -6.61 7.01 -12.42
C ALA D 63 -7.15 5.67 -12.92
N ALA D 64 -7.38 4.71 -12.01
CA ALA D 64 -8.09 3.46 -12.31
C ALA D 64 -9.41 3.64 -13.08
N MET D 65 -10.26 4.61 -12.72
CA MET D 65 -11.51 4.79 -13.43
C MET D 65 -11.27 5.10 -14.90
N GLN D 66 -10.19 5.80 -15.24
CA GLN D 66 -9.99 6.05 -16.65
C GLN D 66 -9.53 4.79 -17.34
N ILE D 67 -8.62 4.05 -16.72
CA ILE D 67 -8.19 2.79 -17.31
C ILE D 67 -9.40 1.88 -17.57
N ILE D 68 -10.35 1.85 -16.64
CA ILE D 68 -11.57 1.07 -16.78
C ILE D 68 -12.52 1.68 -17.80
N ARG D 69 -12.65 3.00 -17.85
CA ARG D 69 -13.49 3.62 -18.89
C ARG D 69 -13.00 3.33 -20.31
N GLU D 70 -11.71 3.41 -20.55
CA GLU D 70 -11.17 3.10 -21.86
C GLU D 70 -11.50 1.67 -22.29
N ILE D 71 -11.50 0.73 -21.34
CA ILE D 71 -11.85 -0.64 -21.66
C ILE D 71 -13.35 -0.78 -21.94
N ILE D 72 -14.17 -0.04 -21.23
CA ILE D 72 -15.55 -0.14 -21.56
C ILE D 72 -15.75 0.41 -22.97
N ASN D 73 -15.19 1.58 -23.27
CA ASN D 73 -15.37 2.18 -24.58
C ASN D 73 -15.04 1.18 -25.68
N GLU D 74 -13.91 0.49 -25.55
CA GLU D 74 -13.47 -0.52 -26.50
C GLU D 74 -14.43 -1.69 -26.66
N GLU D 75 -14.84 -2.30 -25.55
CA GLU D 75 -15.60 -3.54 -25.63
C GLU D 75 -17.05 -3.29 -26.01
N ALA D 76 -17.63 -2.18 -25.51
CA ALA D 76 -18.96 -1.69 -25.94
C ALA D 76 -18.98 -1.34 -27.42
N ALA D 77 -17.94 -0.66 -27.89
CA ALA D 77 -17.81 -0.37 -29.29
C ALA D 77 -17.77 -1.66 -30.16
N GLU D 78 -16.99 -2.65 -29.74
N GLU D 78 -16.97 -2.64 -29.75
CA GLU D 78 -16.91 -3.93 -30.47
CA GLU D 78 -16.90 -3.93 -30.46
C GLU D 78 -18.20 -4.73 -30.38
C GLU D 78 -18.22 -4.70 -30.39
N TRP D 79 -18.87 -4.69 -29.23
CA TRP D 79 -20.19 -5.33 -29.11
C TRP D 79 -21.21 -4.73 -30.11
N ASP D 80 -21.29 -3.40 -30.15
CA ASP D 80 -22.15 -2.73 -31.09
C ASP D 80 -21.84 -3.12 -32.53
N VAL D 81 -20.55 -3.24 -32.86
CA VAL D 81 -20.09 -3.64 -34.20
C VAL D 81 -20.38 -5.10 -34.52
N GLN D 82 -20.37 -5.97 -33.52
CA GLN D 82 -20.56 -7.39 -33.83
C GLN D 82 -21.99 -7.85 -33.59
N HIS D 83 -22.86 -6.91 -33.23
CA HIS D 83 -24.30 -7.11 -33.10
C HIS D 83 -25.11 -6.03 -33.83
N PRO D 84 -25.27 -6.19 -35.15
CA PRO D 84 -25.98 -5.20 -35.94
C PRO D 84 -27.48 -5.43 -36.01
N ILE D 85 -28.17 -4.49 -36.64
CA ILE D 85 -29.54 -4.67 -37.11
C ILE D 85 -29.34 -5.09 -38.57
N PRO D 86 -29.85 -6.28 -38.98
CA PRO D 86 -30.89 -7.20 -38.52
C PRO D 86 -32.06 -6.58 -37.72
N ALA D 87 -33.04 -6.06 -38.46
CA ALA D 87 -34.14 -5.22 -37.94
C ALA D 87 -34.90 -5.75 -36.70
N GLY D 88 -35.74 -6.78 -36.85
CA GLY D 88 -36.02 -7.45 -38.12
C GLY D 88 -36.75 -8.77 -37.97
N PRO D 89 -38.02 -8.73 -37.51
CA PRO D 89 -38.72 -7.57 -36.96
C PRO D 89 -38.63 -7.54 -35.43
N LEU D 90 -39.01 -6.40 -34.83
CA LEU D 90 -39.15 -6.31 -33.37
C LEU D 90 -40.49 -5.68 -32.96
N PRO D 91 -41.35 -6.46 -32.29
CA PRO D 91 -42.72 -6.04 -31.94
C PRO D 91 -42.78 -4.85 -30.98
N ALA D 92 -44.01 -4.39 -30.70
CA ALA D 92 -44.24 -3.35 -29.71
C ALA D 92 -44.05 -3.91 -28.33
N GLY D 93 -43.49 -3.10 -27.42
CA GLY D 93 -43.32 -3.45 -26.01
C GLY D 93 -42.41 -4.65 -25.78
N GLN D 94 -41.78 -5.10 -26.87
CA GLN D 94 -40.72 -6.10 -26.85
C GLN D 94 -39.38 -5.37 -26.69
N LEU D 95 -38.56 -5.90 -25.79
CA LEU D 95 -37.32 -5.25 -25.41
C LEU D 95 -36.21 -5.64 -26.37
N ARG D 96 -35.58 -4.60 -26.92
CA ARG D 96 -34.51 -4.69 -27.91
C ARG D 96 -33.36 -5.60 -27.46
N GLU D 97 -32.63 -6.17 -28.40
CA GLU D 97 -31.35 -6.75 -28.06
C GLU D 97 -30.57 -5.70 -27.29
N PRO D 98 -29.76 -6.11 -26.31
CA PRO D 98 -28.93 -5.13 -25.64
C PRO D 98 -27.79 -4.61 -26.52
N ARG D 99 -27.56 -3.32 -26.45
CA ARG D 99 -26.44 -2.69 -27.14
C ARG D 99 -25.26 -2.55 -26.17
N GLY D 100 -24.08 -2.24 -26.67
CA GLY D 100 -22.92 -1.99 -25.80
C GLY D 100 -23.15 -1.21 -24.51
N SER D 101 -24.01 -0.20 -24.53
CA SER D 101 -24.27 0.60 -23.34
C SER D 101 -25.47 0.11 -22.57
N ASP D 102 -26.19 -0.86 -23.10
CA ASP D 102 -27.21 -1.54 -22.31
C ASP D 102 -26.51 -2.49 -21.36
N ILE D 103 -25.40 -3.03 -21.84
CA ILE D 103 -24.59 -3.96 -21.08
C ILE D 103 -23.78 -3.22 -20.01
N ALA D 104 -23.26 -2.05 -20.37
CA ALA D 104 -22.60 -1.13 -19.46
C ALA D 104 -23.58 -0.49 -18.45
N GLY D 105 -24.87 -0.66 -18.67
CA GLY D 105 -25.83 0.01 -17.82
C GLY D 105 -25.65 1.51 -17.85
N THR D 106 -25.50 2.07 -19.05
CA THR D 106 -25.62 3.50 -19.27
C THR D 106 -26.97 3.84 -19.94
N THR D 107 -27.48 2.91 -20.74
CA THR D 107 -28.74 3.11 -21.47
C THR D 107 -29.85 2.16 -21.05
N SER D 108 -29.71 1.48 -19.91
CA SER D 108 -30.70 0.51 -19.48
C SER D 108 -30.98 0.56 -17.99
N THR D 109 -32.21 0.23 -17.59
CA THR D 109 -32.48 0.11 -16.17
C THR D 109 -32.16 -1.30 -15.65
N VAL D 110 -32.00 -1.42 -14.33
CA VAL D 110 -31.89 -2.72 -13.69
C VAL D 110 -32.93 -3.72 -14.21
N GLU D 111 -34.18 -3.27 -14.24
CA GLU D 111 -35.31 -4.06 -14.74
C GLU D 111 -35.10 -4.62 -16.15
N GLU D 112 -34.60 -3.78 -17.06
CA GLU D 112 -34.21 -4.20 -18.40
C GLU D 112 -33.08 -5.23 -18.39
N GLN D 113 -32.06 -5.02 -17.55
CA GLN D 113 -30.96 -5.99 -17.35
C GLN D 113 -31.49 -7.35 -16.85
N ILE D 114 -32.29 -7.31 -15.77
CA ILE D 114 -32.94 -8.50 -15.24
C ILE D 114 -33.72 -9.25 -16.34
N GLN D 115 -34.49 -8.52 -17.14
N GLN D 115 -34.48 -8.49 -17.13
CA GLN D 115 -35.26 -9.14 -18.22
CA GLN D 115 -35.26 -9.00 -18.26
C GLN D 115 -34.39 -9.79 -19.30
C GLN D 115 -34.39 -9.76 -19.27
N TRP D 116 -33.22 -9.22 -19.58
CA TRP D 116 -32.30 -9.86 -20.55
C TRP D 116 -31.58 -11.08 -19.99
N MET D 117 -31.25 -11.03 -18.71
CA MET D 117 -30.46 -12.10 -18.12
C MET D 117 -31.31 -13.32 -17.93
N PHE D 118 -32.63 -13.11 -17.84
CA PHE D 118 -33.52 -14.11 -17.30
C PHE D 118 -34.71 -14.52 -18.16
N ARG D 119 -35.11 -13.67 -19.10
CA ARG D 119 -36.10 -14.04 -20.10
C ARG D 119 -35.85 -15.49 -20.53
N PRO D 120 -36.94 -16.26 -20.73
CA PRO D 120 -36.73 -17.64 -21.20
C PRO D 120 -36.17 -17.71 -22.63
N GLN D 121 -36.63 -16.76 -23.48
CA GLN D 121 -36.19 -16.70 -24.87
C GLN D 121 -34.78 -16.12 -24.95
N ASN D 122 -33.83 -16.92 -25.44
CA ASN D 122 -32.45 -16.47 -25.70
C ASN D 122 -31.93 -15.38 -24.76
N PRO D 123 -31.71 -15.72 -23.49
CA PRO D 123 -31.29 -14.65 -22.62
C PRO D 123 -29.84 -14.30 -22.90
N VAL D 124 -29.54 -13.01 -22.91
CA VAL D 124 -28.17 -12.55 -23.03
C VAL D 124 -27.62 -12.24 -21.62
N PRO D 125 -26.46 -12.85 -21.27
CA PRO D 125 -25.94 -12.70 -19.91
C PRO D 125 -25.24 -11.35 -19.69
N VAL D 126 -26.02 -10.27 -19.54
CA VAL D 126 -25.46 -8.93 -19.50
C VAL D 126 -24.53 -8.74 -18.31
N GLY D 127 -24.93 -9.19 -17.13
CA GLY D 127 -24.09 -9.04 -15.93
C GLY D 127 -22.72 -9.64 -16.16
N ASN D 128 -22.70 -10.91 -16.58
CA ASN D 128 -21.48 -11.67 -16.80
C ASN D 128 -20.63 -11.10 -17.90
N ILE D 129 -21.25 -10.48 -18.89
CA ILE D 129 -20.48 -9.95 -20.00
C ILE D 129 -19.79 -8.70 -19.48
N TYR D 130 -20.49 -7.96 -18.63
CA TYR D 130 -19.96 -6.74 -18.05
C TYR D 130 -18.77 -7.03 -17.14
N ARG D 131 -18.96 -8.03 -16.26
CA ARG D 131 -17.91 -8.59 -15.41
C ARG D 131 -16.63 -8.84 -16.20
N ARG D 132 -16.77 -9.36 -17.42
N ARG D 132 -16.75 -9.40 -17.41
CA ARG D 132 -15.63 -9.67 -18.26
CA ARG D 132 -15.61 -9.62 -18.28
C ARG D 132 -14.91 -8.41 -18.74
C ARG D 132 -14.91 -8.31 -18.51
N TRP D 133 -15.66 -7.32 -19.00
CA TRP D 133 -15.05 -6.02 -19.37
C TRP D 133 -14.42 -5.35 -18.17
N ILE D 134 -15.12 -5.38 -17.05
CA ILE D 134 -14.58 -4.77 -15.86
C ILE D 134 -13.37 -5.56 -15.48
N GLN D 135 -13.41 -6.88 -15.60
CA GLN D 135 -12.25 -7.74 -15.29
C GLN D 135 -11.02 -7.35 -16.10
N ILE D 136 -11.16 -7.22 -17.41
CA ILE D 136 -10.08 -6.75 -18.24
C ILE D 136 -9.52 -5.42 -17.71
N GLY D 137 -10.42 -4.54 -17.33
CA GLY D 137 -10.05 -3.24 -16.79
C GLY D 137 -9.30 -3.37 -15.49
N LEU D 138 -9.78 -4.19 -14.56
CA LEU D 138 -9.16 -4.30 -13.24
C LEU D 138 -7.76 -4.89 -13.39
N GLN D 139 -7.65 -5.88 -14.25
CA GLN D 139 -6.39 -6.55 -14.53
C GLN D 139 -5.39 -5.52 -15.04
N LYS D 140 -5.91 -4.59 -15.85
CA LYS D 140 -5.12 -3.49 -16.37
C LYS D 140 -4.79 -2.45 -15.28
N CYS D 141 -5.75 -2.11 -14.41
CA CYS D 141 -5.40 -1.34 -13.23
C CYS D 141 -4.26 -1.99 -12.43
N VAL D 142 -4.31 -3.31 -12.17
CA VAL D 142 -3.21 -4.03 -11.48
C VAL D 142 -1.85 -3.89 -12.19
N ARG D 143 -1.84 -4.21 -13.48
N ARG D 143 -1.78 -4.27 -13.47
CA ARG D 143 -0.68 -4.16 -14.35
CA ARG D 143 -0.56 -4.12 -14.26
C ARG D 143 -0.05 -2.78 -14.51
C ARG D 143 -0.01 -2.72 -14.02
N MET D 144 -0.84 -1.73 -14.28
CA MET D 144 -0.38 -0.36 -14.46
C MET D 144 -0.19 0.46 -13.22
N TYR D 145 -0.91 0.15 -12.16
CA TYR D 145 -0.84 0.91 -10.98
C TYR D 145 0.55 0.93 -10.36
#